data_8S4T
#
_entry.id   8S4T
#
_cell.length_a   75.776
_cell.length_b   90.043
_cell.length_c   131.848
_cell.angle_alpha   90.00
_cell.angle_beta   90.00
_cell.angle_gamma   90.00
#
_symmetry.space_group_name_H-M   'P 21 21 21'
#
loop_
_entity.id
_entity.type
_entity.pdbx_description
1 polymer PrgE
2 polymer DNA
3 non-polymer 'TRIETHYLENE GLYCOL'
4 water water
#
loop_
_entity_poly.entity_id
_entity_poly.type
_entity_poly.pdbx_seq_one_letter_code
_entity_poly.pdbx_strand_id
1 'polypeptide(L)'
;MSKYERPLKRESQIKEFELGTHAAVIEKVQKKRSQKGNDMFLLSLLGKSNEKGVYFLTFGNDYTEDNLRYILASIQDNGV
EIPDVDFGYNRETFEFLKGKDVYIQVEEQEYKGKVKHAVTNFLTQDEFEESEEMEFSESNTEEDW
;
A,B,C
2 'polydeoxyribonucleotide'
;(DA)(DA)(DA)(DA)(DA)(DA)(DA)(DA)(DA)(DA)(DA)(DA)(DA)(DA)(DA)(DA)(DA)(DA)(DA)(DA)
(DA)(DA)(DA)(DA)(DA)(DA)(DA)(DA)(DA)(DA)(DA)(DA)(DA)(DA)(DA)(DA)(DA)(DA)(DA)(DA)
(DA)(DA)(DA)(DA)(DA)(DA)(DA)(DA)(DA)(DA)(DA)(DA)(DA)(DA)(DA)(DA)(DA)(DA)(DA)(DA)
;
D
#
loop_
_chem_comp.id
_chem_comp.type
_chem_comp.name
_chem_comp.formula
DA DNA linking 2'-DEOXYADENOSINE-5'-MONOPHOSPHATE 'C10 H14 N5 O6 P'
PGE non-polymer 'TRIETHYLENE GLYCOL' 'C6 H14 O4'
#
# COMPACT_ATOMS: atom_id res chain seq x y z
N SER A 2 -12.66 15.19 -11.78
CA SER A 2 -12.19 16.37 -12.56
C SER A 2 -11.63 15.91 -13.90
N LYS A 3 -11.47 16.87 -14.82
CA LYS A 3 -10.90 16.58 -16.13
C LYS A 3 -9.38 16.48 -16.01
N TYR A 4 -8.81 15.60 -16.84
CA TYR A 4 -7.39 15.29 -16.81
C TYR A 4 -6.58 16.52 -17.16
N GLU A 5 -5.47 16.71 -16.44
CA GLU A 5 -4.50 17.74 -16.72
C GLU A 5 -3.09 17.17 -16.48
N ARG A 6 -2.31 17.06 -17.55
CA ARG A 6 -0.95 16.54 -17.49
C ARG A 6 -0.26 16.97 -16.21
N PRO A 7 0.15 16.04 -15.32
CA PRO A 7 0.93 16.38 -14.14
C PRO A 7 2.42 16.45 -14.44
N LEU A 8 3.18 17.03 -13.52
CA LEU A 8 4.58 17.33 -13.75
C LEU A 8 5.45 16.11 -13.46
N LYS A 9 6.58 16.00 -14.17
CA LYS A 9 7.61 15.03 -13.86
C LYS A 9 8.06 15.23 -12.41
N ARG A 10 8.27 14.12 -11.69
CA ARG A 10 8.72 14.14 -10.31
C ARG A 10 10.18 13.70 -10.25
N GLU A 11 10.97 14.39 -9.42
CA GLU A 11 12.39 14.08 -9.28
C GLU A 11 12.54 12.83 -8.41
N SER A 12 13.41 11.93 -8.85
CA SER A 12 13.72 10.72 -8.09
C SER A 12 14.55 11.08 -6.87
N GLN A 13 14.03 10.71 -5.68
CA GLN A 13 14.71 10.98 -4.43
C GLN A 13 15.16 9.64 -3.85
N ILE A 14 16.06 8.98 -4.59
CA ILE A 14 16.49 7.62 -4.33
C ILE A 14 17.16 7.54 -2.96
N LYS A 15 18.03 8.53 -2.67
CA LYS A 15 18.95 8.44 -1.56
C LYS A 15 18.85 9.72 -0.71
N GLU A 16 18.60 9.53 0.59
CA GLU A 16 18.54 10.65 1.53
C GLU A 16 19.93 10.90 2.12
N PHE A 17 20.08 12.06 2.76
CA PHE A 17 21.26 12.37 3.53
C PHE A 17 21.27 11.52 4.81
N GLU A 18 22.45 10.99 5.17
CA GLU A 18 22.67 10.44 6.49
C GLU A 18 22.46 11.55 7.51
N LEU A 19 22.18 11.19 8.76
CA LEU A 19 22.03 12.17 9.81
C LEU A 19 23.40 12.81 10.09
N GLY A 20 23.39 14.11 10.39
CA GLY A 20 24.61 14.83 10.69
C GLY A 20 24.73 16.12 9.86
N THR A 21 25.97 16.56 9.65
CA THR A 21 26.25 17.75 8.87
C THR A 21 26.94 17.36 7.57
N HIS A 22 26.58 18.06 6.48
CA HIS A 22 27.09 17.77 5.16
C HIS A 22 27.29 19.05 4.37
N ALA A 23 28.33 19.05 3.51
CA ALA A 23 28.42 19.99 2.42
C ALA A 23 27.41 19.60 1.35
N ALA A 24 26.65 20.59 0.88
CA ALA A 24 25.66 20.36 -0.15
C ALA A 24 25.57 21.59 -1.06
N VAL A 25 24.95 21.40 -2.23
CA VAL A 25 24.69 22.48 -3.14
C VAL A 25 23.18 22.58 -3.37
N ILE A 26 22.68 23.81 -3.47
CA ILE A 26 21.29 24.07 -3.82
C ILE A 26 21.15 23.86 -5.33
N GLU A 27 20.68 22.68 -5.74
CA GLU A 27 20.71 22.30 -7.14
C GLU A 27 19.51 22.88 -7.88
N LYS A 28 18.51 23.37 -7.14
CA LYS A 28 17.27 23.86 -7.73
C LYS A 28 16.53 24.70 -6.69
N VAL A 29 15.74 25.67 -7.16
CA VAL A 29 14.94 26.51 -6.30
C VAL A 29 13.58 26.75 -6.97
N GLN A 30 12.50 26.33 -6.31
CA GLN A 30 11.16 26.46 -6.87
C GLN A 30 10.35 27.43 -6.02
N LYS A 31 9.53 28.24 -6.70
CA LYS A 31 8.56 29.10 -6.05
C LYS A 31 7.23 28.36 -5.96
N LYS A 32 6.70 28.23 -4.75
CA LYS A 32 5.48 27.46 -4.52
C LYS A 32 4.66 28.14 -3.42
N ARG A 33 3.46 27.60 -3.20
CA ARG A 33 2.63 28.00 -2.07
C ARG A 33 2.33 26.75 -1.25
N SER A 34 2.45 26.88 0.09
CA SER A 34 2.22 25.77 0.99
C SER A 34 0.74 25.40 1.01
N GLN A 35 0.42 24.29 1.68
CA GLN A 35 -0.95 23.80 1.78
C GLN A 35 -1.81 24.79 2.57
N LYS A 36 -1.19 25.53 3.49
CA LYS A 36 -1.91 26.49 4.32
C LYS A 36 -1.88 27.88 3.67
N GLY A 37 -1.32 27.96 2.46
CA GLY A 37 -1.43 29.15 1.62
C GLY A 37 -0.37 30.20 1.94
N ASN A 38 0.86 29.76 2.22
CA ASN A 38 1.99 30.66 2.42
C ASN A 38 2.93 30.56 1.22
N ASP A 39 3.46 31.71 0.79
CA ASP A 39 4.49 31.74 -0.24
C ASP A 39 5.78 31.18 0.33
N MET A 40 6.44 30.27 -0.41
CA MET A 40 7.67 29.65 0.06
C MET A 40 8.62 29.38 -1.11
N PHE A 41 9.91 29.28 -0.78
CA PHE A 41 10.94 28.81 -1.70
C PHE A 41 11.33 27.38 -1.32
N LEU A 42 11.23 26.46 -2.29
CA LEU A 42 11.51 25.06 -2.08
C LEU A 42 12.93 24.76 -2.58
N LEU A 43 13.89 24.73 -1.64
CA LEU A 43 15.28 24.50 -1.96
C LEU A 43 15.52 23.00 -2.09
N SER A 44 15.96 22.56 -3.27
CA SER A 44 16.37 21.18 -3.49
C SER A 44 17.87 21.10 -3.27
N LEU A 45 18.33 20.05 -2.57
CA LEU A 45 19.69 20.00 -2.06
C LEU A 45 20.36 18.71 -2.52
N LEU A 46 21.58 18.86 -3.08
CA LEU A 46 22.31 17.77 -3.67
C LEU A 46 23.63 17.57 -2.93
N GLY A 47 23.84 16.37 -2.41
CA GLY A 47 25.05 16.01 -1.69
C GLY A 47 26.10 15.41 -2.62
N LYS A 48 27.28 15.10 -2.06
CA LYS A 48 28.44 14.75 -2.85
C LYS A 48 28.39 13.28 -3.26
N SER A 49 27.49 12.50 -2.66
CA SER A 49 27.25 11.12 -3.07
C SER A 49 25.84 10.98 -3.65
N ASN A 50 25.30 12.10 -4.15
CA ASN A 50 24.03 12.13 -4.85
C ASN A 50 22.87 12.03 -3.86
N GLU A 51 23.09 12.47 -2.62
CA GLU A 51 22.01 12.52 -1.65
C GLU A 51 21.11 13.68 -2.01
N LYS A 52 19.79 13.43 -1.96
CA LYS A 52 18.81 14.44 -2.30
C LYS A 52 18.11 14.87 -1.01
N GLY A 53 17.79 16.16 -0.91
CA GLY A 53 17.13 16.70 0.26
C GLY A 53 16.34 17.97 -0.09
N VAL A 54 15.34 18.29 0.73
CA VAL A 54 14.45 19.40 0.46
C VAL A 54 14.42 20.30 1.69
N TYR A 55 14.29 21.62 1.46
CA TYR A 55 14.16 22.58 2.53
C TYR A 55 13.14 23.64 2.13
N PHE A 56 12.29 24.03 3.07
CA PHE A 56 11.23 25.00 2.83
C PHE A 56 11.56 26.31 3.53
N LEU A 57 11.73 27.37 2.75
CA LEU A 57 11.88 28.72 3.28
C LEU A 57 10.54 29.43 3.16
N THR A 58 9.76 29.41 4.26
CA THR A 58 8.43 29.96 4.27
C THR A 58 8.51 31.46 4.57
N PHE A 59 7.66 32.25 3.89
CA PHE A 59 7.63 33.69 4.06
C PHE A 59 6.38 34.09 4.84
N GLY A 60 6.42 35.28 5.45
CA GLY A 60 5.29 35.85 6.16
C GLY A 60 5.18 35.34 7.59
N ASN A 61 6.27 35.45 8.34
CA ASN A 61 6.29 35.15 9.76
C ASN A 61 7.53 35.82 10.37
N ASP A 62 7.70 35.67 11.68
CA ASP A 62 8.73 36.40 12.40
C ASP A 62 10.11 35.78 12.16
N TYR A 63 10.15 34.51 11.75
CA TYR A 63 11.40 33.76 11.66
C TYR A 63 12.00 33.84 10.25
N THR A 64 11.21 34.25 9.26
CA THR A 64 11.61 34.10 7.86
C THR A 64 12.92 34.85 7.61
N GLU A 65 12.99 36.10 8.06
CA GLU A 65 14.17 36.93 7.88
C GLU A 65 15.40 36.22 8.42
N ASP A 66 15.37 35.87 9.71
CA ASP A 66 16.49 35.22 10.38
C ASP A 66 16.85 33.91 9.67
N ASN A 67 15.84 33.17 9.23
CA ASN A 67 16.04 31.88 8.59
C ASN A 67 16.92 32.05 7.36
N LEU A 68 16.59 33.07 6.54
CA LEU A 68 17.26 33.30 5.26
C LEU A 68 18.68 33.83 5.49
N ARG A 69 18.88 34.58 6.56
CA ARG A 69 20.20 35.12 6.89
C ARG A 69 21.19 33.98 7.13
N TYR A 70 20.71 32.87 7.72
CA TYR A 70 21.54 31.71 7.96
C TYR A 70 21.86 31.01 6.64
N ILE A 71 20.90 31.00 5.71
CA ILE A 71 21.13 30.45 4.39
C ILE A 71 22.22 31.28 3.70
N LEU A 72 22.11 32.61 3.82
CA LEU A 72 23.05 33.53 3.19
C LEU A 72 24.42 33.41 3.85
N ALA A 73 24.46 33.28 5.18
CA ALA A 73 25.71 33.19 5.91
C ALA A 73 26.47 31.93 5.51
N SER A 74 25.73 30.84 5.26
CA SER A 74 26.31 29.58 4.82
C SER A 74 26.91 29.74 3.43
N ILE A 75 26.22 30.51 2.57
CA ILE A 75 26.69 30.78 1.22
C ILE A 75 27.96 31.64 1.30
N GLN A 76 27.96 32.62 2.20
CA GLN A 76 29.09 33.52 2.37
C GLN A 76 30.34 32.73 2.77
N ASP A 77 30.16 31.75 3.66
CA ASP A 77 31.28 31.03 4.24
C ASP A 77 31.76 29.90 3.32
N ASN A 78 31.01 29.65 2.23
CA ASN A 78 31.47 28.75 1.18
C ASN A 78 32.18 29.54 0.08
N GLY A 79 32.48 30.82 0.35
CA GLY A 79 33.43 31.60 -0.43
C GLY A 79 32.78 32.50 -1.47
N VAL A 80 31.56 32.96 -1.20
CA VAL A 80 30.78 33.75 -2.14
C VAL A 80 30.41 35.08 -1.48
N GLU A 81 30.54 36.17 -2.25
CA GLU A 81 30.23 37.51 -1.77
C GLU A 81 28.71 37.69 -1.75
N ILE A 82 28.18 38.22 -0.65
CA ILE A 82 26.76 38.54 -0.57
C ILE A 82 26.54 39.95 -1.12
N PRO A 83 25.76 40.10 -2.23
CA PRO A 83 25.59 41.40 -2.87
C PRO A 83 24.67 42.32 -2.08
N ASP A 84 24.65 43.60 -2.50
CA ASP A 84 23.90 44.65 -1.82
C ASP A 84 22.48 44.68 -2.39
N VAL A 85 21.61 43.80 -1.87
CA VAL A 85 20.25 43.67 -2.36
C VAL A 85 19.32 43.43 -1.17
N ASP A 86 18.07 43.87 -1.32
CA ASP A 86 17.02 43.59 -0.36
C ASP A 86 16.61 42.13 -0.53
N PHE A 87 16.95 41.30 0.47
CA PHE A 87 16.67 39.89 0.45
C PHE A 87 15.28 39.61 1.01
N GLY A 88 14.55 38.71 0.33
CA GLY A 88 13.19 38.37 0.72
C GLY A 88 12.45 37.68 -0.43
N TYR A 89 11.13 37.94 -0.52
CA TYR A 89 10.31 37.37 -1.57
C TYR A 89 10.46 38.25 -2.82
N ASN A 90 11.53 37.98 -3.58
CA ASN A 90 11.81 38.70 -4.81
C ASN A 90 12.73 37.84 -5.69
N ARG A 91 12.86 38.23 -6.95
CA ARG A 91 13.53 37.41 -7.95
C ARG A 91 15.04 37.38 -7.70
N GLU A 92 15.62 38.50 -7.23
CA GLU A 92 17.06 38.54 -6.97
C GLU A 92 17.44 37.43 -6.00
N THR A 93 16.73 37.38 -4.86
CA THR A 93 16.94 36.35 -3.85
C THR A 93 16.74 34.96 -4.46
N PHE A 94 15.63 34.79 -5.16
CA PHE A 94 15.28 33.53 -5.80
C PHE A 94 16.43 33.03 -6.68
N GLU A 95 16.96 33.91 -7.53
CA GLU A 95 17.99 33.53 -8.48
C GLU A 95 19.33 33.38 -7.77
N PHE A 96 19.59 34.22 -6.76
CA PHE A 96 20.87 34.24 -6.07
C PHE A 96 21.20 32.88 -5.46
N LEU A 97 20.19 32.16 -4.97
CA LEU A 97 20.41 30.94 -4.20
C LEU A 97 20.86 29.79 -5.09
N LYS A 98 20.44 29.80 -6.36
CA LYS A 98 20.61 28.65 -7.24
C LYS A 98 22.09 28.33 -7.43
N GLY A 99 22.45 27.07 -7.20
CA GLY A 99 23.77 26.54 -7.55
C GLY A 99 24.81 26.74 -6.46
N LYS A 100 24.40 27.32 -5.32
CA LYS A 100 25.33 27.78 -4.30
C LYS A 100 25.74 26.64 -3.36
N ASP A 101 27.01 26.65 -2.95
CA ASP A 101 27.51 25.74 -1.94
C ASP A 101 26.98 26.16 -0.57
N VAL A 102 26.55 25.17 0.22
CA VAL A 102 26.02 25.42 1.55
C VAL A 102 26.46 24.31 2.49
N TYR A 103 26.33 24.58 3.80
CA TYR A 103 26.48 23.60 4.84
C TYR A 103 25.10 23.35 5.44
N ILE A 104 24.69 22.07 5.54
CA ILE A 104 23.36 21.73 6.03
C ILE A 104 23.46 20.81 7.25
N GLN A 105 22.43 20.89 8.10
CA GLN A 105 22.19 19.95 9.17
C GLN A 105 21.00 19.05 8.78
N VAL A 106 21.11 17.76 9.09
CA VAL A 106 20.09 16.79 8.74
C VAL A 106 19.69 16.02 9.99
N GLU A 107 18.46 16.27 10.47
CA GLU A 107 17.90 15.63 11.65
C GLU A 107 16.74 14.73 11.25
N GLU A 108 16.35 13.83 12.17
CA GLU A 108 15.18 12.98 11.99
C GLU A 108 13.92 13.80 12.23
N GLN A 109 12.79 13.33 11.67
CA GLN A 109 11.54 14.07 11.72
C GLN A 109 10.37 13.14 11.43
N GLU A 110 9.34 13.19 12.29
CA GLU A 110 8.11 12.41 12.13
C GLU A 110 7.00 13.28 11.56
N TYR A 111 6.14 12.66 10.74
CA TYR A 111 4.95 13.30 10.19
C TYR A 111 4.10 12.22 9.52
N LYS A 112 2.86 12.04 10.02
CA LYS A 112 2.00 10.94 9.63
C LYS A 112 2.65 9.60 9.98
N GLY A 113 3.41 9.58 11.09
CA GLY A 113 4.09 8.39 11.55
C GLY A 113 5.17 7.88 10.59
N LYS A 114 5.62 8.76 9.67
CA LYS A 114 6.67 8.45 8.73
C LYS A 114 7.94 9.18 9.16
N VAL A 115 9.02 8.44 9.44
CA VAL A 115 10.30 9.02 9.77
C VAL A 115 11.10 9.24 8.48
N LYS A 116 11.59 10.47 8.28
CA LYS A 116 12.50 10.77 7.19
C LYS A 116 13.66 11.62 7.73
N HIS A 117 14.76 11.62 6.96
CA HIS A 117 15.89 12.50 7.22
C HIS A 117 15.62 13.85 6.59
N ALA A 118 15.36 14.86 7.42
CA ALA A 118 14.99 16.19 6.93
C ALA A 118 16.18 17.14 7.05
N VAL A 119 16.31 18.05 6.07
CA VAL A 119 17.24 19.16 6.16
C VAL A 119 16.62 20.22 7.08
N THR A 120 17.30 20.53 8.17
CA THR A 120 16.72 21.36 9.24
C THR A 120 17.30 22.77 9.21
N ASN A 121 18.62 22.90 8.99
CA ASN A 121 19.28 24.18 9.15
C ASN A 121 20.41 24.35 8.14
N PHE A 122 20.71 25.62 7.85
CA PHE A 122 21.92 25.99 7.13
C PHE A 122 22.93 26.53 8.14
N LEU A 123 24.17 26.02 8.07
CA LEU A 123 25.15 26.24 9.12
C LEU A 123 26.21 27.23 8.65
N THR A 124 26.72 28.02 9.61
CA THR A 124 27.88 28.86 9.38
C THR A 124 29.13 27.99 9.43
N GLN A 125 30.29 28.61 9.13
CA GLN A 125 31.57 27.93 9.17
C GLN A 125 31.81 27.37 10.57
N ASP A 126 31.50 28.18 11.58
CA ASP A 126 31.71 27.83 12.97
C ASP A 126 30.92 26.56 13.31
N GLU A 127 29.63 26.59 12.97
CA GLU A 127 28.69 25.52 13.29
C GLU A 127 29.08 24.24 12.55
N PHE A 128 29.45 24.39 11.26
CA PHE A 128 29.79 23.24 10.44
C PHE A 128 31.01 22.51 11.01
N GLU A 129 32.03 23.28 11.42
CA GLU A 129 33.28 22.70 11.88
C GLU A 129 33.12 22.11 13.28
N GLU A 130 32.45 22.85 14.18
CA GLU A 130 32.22 22.37 15.53
C GLU A 130 31.63 20.96 15.47
N SER A 131 30.67 20.76 14.57
CA SER A 131 30.02 19.48 14.37
C SER A 131 30.98 18.46 13.75
N GLU A 132 31.67 18.88 12.67
CA GLU A 132 32.46 17.97 11.85
C GLU A 132 33.73 17.52 12.57
N GLU A 133 34.26 18.36 13.46
CA GLU A 133 35.53 18.07 14.13
C GLU A 133 35.33 17.13 15.32
N MET A 134 34.16 16.48 15.40
CA MET A 134 33.87 15.51 16.45
C MET A 134 33.97 14.09 15.90
N GLU A 135 33.99 13.95 14.57
CA GLU A 135 33.91 12.65 13.90
C GLU A 135 35.31 12.03 13.82
N PHE A 136 35.37 10.70 14.02
CA PHE A 136 36.61 9.94 13.96
C PHE A 136 36.58 9.06 12.71
N SER A 137 37.63 9.19 11.87
CA SER A 137 37.67 8.51 10.58
C SER A 137 37.67 6.99 10.78
N SER B 2 -25.32 -8.43 7.33
CA SER B 2 -25.64 -7.57 6.15
C SER B 2 -26.11 -8.44 4.98
N LYS B 3 -26.73 -7.79 3.98
CA LYS B 3 -27.16 -8.46 2.77
C LYS B 3 -25.94 -8.92 1.99
N TYR B 4 -26.12 -9.95 1.15
CA TYR B 4 -25.00 -10.63 0.52
C TYR B 4 -24.36 -9.74 -0.54
N GLU B 5 -23.05 -9.94 -0.75
CA GLU B 5 -22.27 -9.24 -1.74
C GLU B 5 -21.07 -10.10 -2.11
N ARG B 6 -21.14 -10.74 -3.28
CA ARG B 6 -20.07 -11.58 -3.78
C ARG B 6 -18.72 -10.91 -3.50
N PRO B 7 -17.82 -11.52 -2.69
CA PRO B 7 -16.49 -10.96 -2.47
C PRO B 7 -15.60 -11.21 -3.69
N LEU B 8 -14.51 -10.44 -3.78
CA LEU B 8 -13.65 -10.43 -4.95
C LEU B 8 -12.79 -11.68 -4.95
N LYS B 9 -12.62 -12.30 -6.12
CA LYS B 9 -11.79 -13.49 -6.28
C LYS B 9 -10.37 -13.17 -5.84
N ARG B 10 -9.68 -14.18 -5.28
CA ARG B 10 -8.35 -14.01 -4.73
C ARG B 10 -7.38 -14.90 -5.50
N GLU B 11 -6.24 -14.33 -5.92
CA GLU B 11 -5.33 -15.00 -6.82
C GLU B 11 -4.07 -15.45 -6.08
N SER B 12 -3.30 -16.33 -6.75
CA SER B 12 -2.05 -16.84 -6.22
C SER B 12 -0.95 -15.82 -6.42
N GLN B 13 -0.54 -15.17 -5.32
CA GLN B 13 0.50 -14.17 -5.35
C GLN B 13 1.87 -14.84 -5.26
N ILE B 14 2.12 -15.78 -6.19
CA ILE B 14 3.36 -16.55 -6.19
C ILE B 14 4.49 -15.63 -6.64
N LYS B 15 4.36 -15.11 -7.87
CA LYS B 15 5.37 -14.25 -8.46
C LYS B 15 4.95 -12.80 -8.27
N GLU B 16 5.80 -12.02 -7.57
CA GLU B 16 5.60 -10.59 -7.44
C GLU B 16 6.71 -9.87 -8.20
N PHE B 17 6.54 -8.56 -8.36
CA PHE B 17 7.47 -7.75 -9.14
C PHE B 17 8.80 -7.62 -8.38
N GLU B 18 9.90 -7.86 -9.10
CA GLU B 18 11.23 -7.51 -8.64
C GLU B 18 11.25 -6.01 -8.31
N LEU B 19 12.24 -5.58 -7.54
CA LEU B 19 12.36 -4.17 -7.16
C LEU B 19 12.68 -3.36 -8.41
N GLY B 20 12.23 -2.10 -8.43
CA GLY B 20 12.54 -1.17 -9.51
C GLY B 20 11.30 -0.73 -10.28
N THR B 21 11.48 -0.51 -11.59
CA THR B 21 10.41 0.01 -12.45
C THR B 21 10.18 -0.96 -13.60
N HIS B 22 8.90 -1.14 -13.97
CA HIS B 22 8.52 -2.11 -14.98
C HIS B 22 7.39 -1.57 -15.85
N ALA B 23 7.32 -2.09 -17.09
CA ALA B 23 6.12 -1.97 -17.90
C ALA B 23 5.14 -3.06 -17.48
N ALA B 24 3.88 -2.66 -17.25
CA ALA B 24 2.85 -3.57 -16.80
C ALA B 24 1.51 -3.19 -17.44
N VAL B 25 0.52 -4.06 -17.27
CA VAL B 25 -0.84 -3.77 -17.70
C VAL B 25 -1.73 -3.80 -16.46
N ILE B 26 -2.79 -2.99 -16.48
CA ILE B 26 -3.81 -3.05 -15.44
C ILE B 26 -4.77 -4.17 -15.81
N GLU B 27 -4.54 -5.34 -15.21
CA GLU B 27 -5.23 -6.57 -15.56
C GLU B 27 -6.71 -6.49 -15.15
N LYS B 28 -6.95 -6.03 -13.91
CA LYS B 28 -8.28 -5.99 -13.34
C LYS B 28 -8.47 -4.69 -12.56
N VAL B 29 -9.72 -4.22 -12.51
CA VAL B 29 -10.10 -3.10 -11.66
C VAL B 29 -11.35 -3.51 -10.89
N GLN B 30 -11.39 -3.18 -9.59
CA GLN B 30 -12.42 -3.69 -8.70
C GLN B 30 -12.80 -2.65 -7.65
N LYS B 31 -14.11 -2.50 -7.43
CA LYS B 31 -14.65 -1.60 -6.42
C LYS B 31 -14.50 -2.30 -5.06
N LYS B 32 -14.13 -1.53 -4.03
CA LYS B 32 -13.84 -2.09 -2.72
C LYS B 32 -13.87 -0.99 -1.66
N ARG B 33 -14.51 -1.29 -0.53
CA ARG B 33 -14.57 -0.39 0.62
C ARG B 33 -13.46 -0.78 1.60
N SER B 34 -12.67 0.21 2.02
CA SER B 34 -11.51 -0.02 2.88
C SER B 34 -11.96 -0.32 4.31
N GLN B 35 -10.97 -0.68 5.16
CA GLN B 35 -11.22 -0.96 6.57
C GLN B 35 -11.60 0.32 7.33
N LYS B 36 -11.17 1.48 6.83
CA LYS B 36 -11.50 2.76 7.44
C LYS B 36 -12.76 3.35 6.81
N GLY B 37 -13.32 2.65 5.81
CA GLY B 37 -14.58 3.05 5.19
C GLY B 37 -14.39 4.09 4.09
N ASN B 38 -13.34 3.91 3.28
CA ASN B 38 -13.11 4.74 2.10
C ASN B 38 -13.32 3.91 0.85
N ASP B 39 -13.95 4.53 -0.16
CA ASP B 39 -14.14 3.91 -1.46
C ASP B 39 -12.80 3.87 -2.19
N MET B 40 -12.47 2.72 -2.79
CA MET B 40 -11.24 2.58 -3.55
C MET B 40 -11.45 1.67 -4.76
N PHE B 41 -10.63 1.92 -5.78
CA PHE B 41 -10.44 1.00 -6.91
C PHE B 41 -9.25 0.10 -6.58
N LEU B 42 -9.37 -1.19 -6.91
CA LEU B 42 -8.29 -2.13 -6.66
C LEU B 42 -7.72 -2.59 -7.99
N LEU B 43 -6.56 -2.01 -8.36
CA LEU B 43 -5.95 -2.24 -9.65
C LEU B 43 -4.97 -3.41 -9.55
N SER B 44 -5.32 -4.52 -10.22
CA SER B 44 -4.43 -5.66 -10.34
C SER B 44 -3.48 -5.44 -11.50
N LEU B 45 -2.17 -5.49 -11.25
CA LEU B 45 -1.18 -5.25 -12.29
C LEU B 45 -0.44 -6.56 -12.61
N LEU B 46 -0.22 -6.78 -13.92
CA LEU B 46 0.43 -7.97 -14.42
C LEU B 46 1.66 -7.57 -15.24
N GLY B 47 2.72 -8.37 -15.14
CA GLY B 47 3.98 -8.08 -15.81
C GLY B 47 4.20 -8.97 -17.03
N LYS B 48 5.39 -8.85 -17.64
CA LYS B 48 5.70 -9.52 -18.89
C LYS B 48 6.10 -10.97 -18.64
N SER B 49 6.31 -11.35 -17.38
CA SER B 49 6.53 -12.74 -17.02
C SER B 49 5.63 -13.13 -15.84
N ASN B 50 4.40 -12.62 -15.86
CA ASN B 50 3.33 -13.01 -14.96
C ASN B 50 3.67 -12.64 -13.51
N GLU B 51 4.35 -11.50 -13.31
CA GLU B 51 4.49 -10.93 -11.98
C GLU B 51 3.18 -10.25 -11.63
N LYS B 52 2.78 -10.32 -10.34
CA LYS B 52 1.54 -9.71 -9.91
C LYS B 52 1.79 -8.71 -8.79
N GLY B 53 0.97 -7.66 -8.77
CA GLY B 53 0.92 -6.69 -7.69
C GLY B 53 -0.42 -5.95 -7.70
N VAL B 54 -0.74 -5.27 -6.60
CA VAL B 54 -2.00 -4.55 -6.50
C VAL B 54 -1.71 -3.12 -6.06
N TYR B 55 -2.61 -2.21 -6.44
CA TYR B 55 -2.49 -0.80 -6.13
C TYR B 55 -3.82 -0.31 -5.56
N PHE B 56 -3.74 0.44 -4.46
CA PHE B 56 -4.93 0.95 -3.79
C PHE B 56 -5.13 2.42 -4.16
N LEU B 57 -6.05 2.69 -5.08
CA LEU B 57 -6.45 4.05 -5.39
C LEU B 57 -7.63 4.43 -4.49
N THR B 58 -7.31 5.06 -3.36
CA THR B 58 -8.31 5.47 -2.37
C THR B 58 -8.94 6.79 -2.81
N PHE B 59 -10.23 6.95 -2.53
CA PHE B 59 -10.95 8.20 -2.80
C PHE B 59 -11.24 8.90 -1.48
N GLY B 60 -11.44 10.23 -1.56
CA GLY B 60 -11.62 11.07 -0.39
C GLY B 60 -10.40 11.95 -0.11
N ASN B 61 -9.20 11.35 -0.13
CA ASN B 61 -7.97 12.03 0.23
C ASN B 61 -7.69 13.19 -0.72
N ASP B 62 -6.84 14.12 -0.28
CA ASP B 62 -6.48 15.29 -1.06
C ASP B 62 -5.55 14.89 -2.21
N TYR B 63 -4.97 13.69 -2.11
CA TYR B 63 -4.01 13.20 -3.10
C TYR B 63 -4.73 12.44 -4.22
N THR B 64 -5.99 12.06 -3.99
CA THR B 64 -6.78 11.31 -4.97
C THR B 64 -6.50 11.79 -6.40
N GLU B 65 -6.77 13.08 -6.62
CA GLU B 65 -6.78 13.66 -7.96
C GLU B 65 -5.44 13.38 -8.64
N ASP B 66 -4.35 13.86 -8.02
CA ASP B 66 -3.01 13.71 -8.57
C ASP B 66 -2.67 12.24 -8.75
N ASN B 67 -3.05 11.41 -7.78
CA ASN B 67 -2.71 10.01 -7.80
C ASN B 67 -3.32 9.35 -9.04
N LEU B 68 -4.55 9.76 -9.37
CA LEU B 68 -5.22 9.29 -10.57
C LEU B 68 -4.60 9.93 -11.80
N ARG B 69 -4.27 11.23 -11.71
CA ARG B 69 -3.62 11.94 -12.80
C ARG B 69 -2.39 11.16 -13.28
N TYR B 70 -1.60 10.64 -12.34
CA TYR B 70 -0.37 9.95 -12.67
C TYR B 70 -0.67 8.60 -13.33
N ILE B 71 -1.75 7.94 -12.90
CA ILE B 71 -2.19 6.71 -13.54
C ILE B 71 -2.55 7.02 -14.99
N LEU B 72 -3.41 8.03 -15.19
CA LEU B 72 -3.86 8.43 -16.51
C LEU B 72 -2.66 8.81 -17.40
N ALA B 73 -1.75 9.63 -16.85
CA ALA B 73 -0.61 10.12 -17.60
C ALA B 73 0.30 8.97 -18.02
N SER B 74 0.39 7.94 -17.17
CA SER B 74 1.16 6.75 -17.50
C SER B 74 0.50 6.01 -18.68
N ILE B 75 -0.83 6.01 -18.70
CA ILE B 75 -1.60 5.40 -19.78
C ILE B 75 -1.42 6.25 -21.04
N GLN B 76 -1.41 7.59 -20.87
CA GLN B 76 -1.25 8.50 -21.99
C GLN B 76 0.07 8.21 -22.70
N ASP B 77 1.13 7.98 -21.92
CA ASP B 77 2.47 7.84 -22.46
C ASP B 77 2.73 6.42 -22.93
N ASN B 78 1.68 5.57 -22.93
CA ASN B 78 1.79 4.22 -23.47
C ASN B 78 1.02 4.11 -24.79
N GLY B 79 0.51 5.25 -25.29
CA GLY B 79 -0.04 5.31 -26.64
C GLY B 79 -1.55 5.57 -26.68
N VAL B 80 -2.22 5.40 -25.52
CA VAL B 80 -3.66 5.59 -25.43
C VAL B 80 -3.92 7.06 -25.12
N GLU B 81 -4.90 7.66 -25.82
CA GLU B 81 -5.28 9.04 -25.56
C GLU B 81 -6.35 9.07 -24.49
N ILE B 82 -6.51 10.23 -23.83
CA ILE B 82 -7.35 10.37 -22.65
C ILE B 82 -8.64 11.08 -23.05
N PRO B 83 -9.83 10.46 -22.83
CA PRO B 83 -11.11 11.10 -23.14
C PRO B 83 -11.38 12.37 -22.32
N ASP B 84 -12.28 13.22 -22.82
CA ASP B 84 -12.65 14.47 -22.18
C ASP B 84 -13.77 14.19 -21.17
N VAL B 85 -13.50 13.27 -20.25
CA VAL B 85 -14.49 12.85 -19.26
C VAL B 85 -14.05 13.34 -17.89
N ASP B 86 -15.02 13.44 -16.97
CA ASP B 86 -14.74 13.75 -15.59
C ASP B 86 -14.26 12.47 -14.89
N PHE B 87 -12.96 12.42 -14.59
CA PHE B 87 -12.36 11.27 -13.96
C PHE B 87 -12.54 11.35 -12.45
N GLY B 88 -12.93 10.21 -11.84
CA GLY B 88 -13.16 10.14 -10.41
C GLY B 88 -13.73 8.79 -10.00
N TYR B 89 -14.58 8.80 -8.96
CA TYR B 89 -15.25 7.59 -8.50
C TYR B 89 -16.52 7.39 -9.32
N ASN B 90 -16.34 6.99 -10.60
CA ASN B 90 -17.44 6.86 -11.53
C ASN B 90 -17.16 5.70 -12.48
N ARG B 91 -18.16 5.40 -13.33
CA ARG B 91 -18.16 4.19 -14.15
C ARG B 91 -17.20 4.33 -15.32
N GLU B 92 -17.11 5.55 -15.91
CA GLU B 92 -16.25 5.77 -17.06
C GLU B 92 -14.80 5.49 -16.68
N THR B 93 -14.37 6.05 -15.54
CA THR B 93 -13.03 5.84 -15.01
C THR B 93 -12.78 4.34 -14.86
N PHE B 94 -13.72 3.65 -14.21
CA PHE B 94 -13.60 2.23 -13.91
C PHE B 94 -13.33 1.43 -15.18
N GLU B 95 -14.08 1.73 -16.26
CA GLU B 95 -13.99 0.96 -17.49
C GLU B 95 -12.74 1.35 -18.27
N PHE B 96 -12.31 2.61 -18.14
CA PHE B 96 -11.19 3.12 -18.91
C PHE B 96 -9.87 2.48 -18.47
N LEU B 97 -9.71 2.32 -17.14
CA LEU B 97 -8.44 1.86 -16.59
C LEU B 97 -8.17 0.40 -16.96
N LYS B 98 -9.21 -0.37 -17.26
CA LYS B 98 -9.05 -1.79 -17.56
C LYS B 98 -8.22 -1.98 -18.83
N GLY B 99 -7.25 -2.90 -18.74
CA GLY B 99 -6.52 -3.40 -19.90
C GLY B 99 -5.55 -2.38 -20.49
N LYS B 100 -5.07 -1.44 -19.67
CA LYS B 100 -4.21 -0.36 -20.14
C LYS B 100 -2.76 -0.63 -19.76
N ASP B 101 -1.86 -0.45 -20.72
CA ASP B 101 -0.42 -0.55 -20.48
C ASP B 101 0.03 0.64 -19.64
N VAL B 102 0.92 0.39 -18.67
CA VAL B 102 1.35 1.40 -17.73
C VAL B 102 2.82 1.22 -17.39
N TYR B 103 3.39 2.24 -16.73
CA TYR B 103 4.70 2.16 -16.11
C TYR B 103 4.53 2.28 -14.60
N ILE B 104 5.10 1.33 -13.85
CA ILE B 104 4.96 1.34 -12.39
C ILE B 104 6.33 1.26 -11.72
N GLN B 105 6.36 1.77 -10.49
CA GLN B 105 7.47 1.60 -9.56
C GLN B 105 7.04 0.60 -8.48
N VAL B 106 7.99 -0.22 -8.01
CA VAL B 106 7.72 -1.15 -6.93
C VAL B 106 8.89 -1.09 -5.94
N GLU B 107 8.57 -0.76 -4.69
CA GLU B 107 9.54 -0.65 -3.62
C GLU B 107 9.25 -1.71 -2.56
N GLU B 108 10.16 -1.84 -1.59
CA GLU B 108 9.93 -2.67 -0.41
C GLU B 108 9.03 -1.91 0.56
N GLN B 109 8.05 -2.62 1.13
CA GLN B 109 7.09 -2.04 2.06
C GLN B 109 6.93 -2.95 3.26
N GLU B 110 7.31 -2.43 4.44
CA GLU B 110 7.25 -3.19 5.68
C GLU B 110 5.91 -2.93 6.36
N TYR B 111 5.20 -4.02 6.70
CA TYR B 111 3.91 -3.92 7.37
C TYR B 111 3.77 -5.07 8.37
N LYS B 112 3.82 -4.72 9.66
CA LYS B 112 3.57 -5.65 10.75
C LYS B 112 4.56 -6.82 10.68
N GLY B 113 5.82 -6.52 10.35
CA GLY B 113 6.87 -7.53 10.28
C GLY B 113 7.10 -8.04 8.85
N LYS B 114 6.02 -8.16 8.07
CA LYS B 114 6.09 -8.76 6.74
C LYS B 114 6.48 -7.70 5.73
N VAL B 115 7.68 -7.88 5.14
CA VAL B 115 8.12 -7.07 4.01
C VAL B 115 7.58 -7.70 2.74
N LYS B 116 7.18 -6.85 1.78
CA LYS B 116 6.69 -7.31 0.49
C LYS B 116 6.89 -6.23 -0.56
N HIS B 117 6.85 -6.64 -1.83
CA HIS B 117 7.10 -5.75 -2.96
C HIS B 117 5.76 -5.17 -3.43
N ALA B 118 5.53 -3.89 -3.13
CA ALA B 118 4.26 -3.24 -3.42
C ALA B 118 4.44 -2.16 -4.49
N VAL B 119 3.46 -2.06 -5.39
CA VAL B 119 3.41 -1.01 -6.38
C VAL B 119 3.14 0.31 -5.65
N THR B 120 4.04 1.29 -5.81
CA THR B 120 3.97 2.53 -5.05
C THR B 120 3.48 3.69 -5.92
N ASN B 121 3.87 3.72 -7.19
CA ASN B 121 3.57 4.86 -8.05
C ASN B 121 3.33 4.41 -9.49
N PHE B 122 2.69 5.31 -10.26
CA PHE B 122 2.57 5.18 -11.70
C PHE B 122 3.39 6.27 -12.38
N LEU B 123 4.22 5.88 -13.35
CA LEU B 123 5.29 6.73 -13.85
C LEU B 123 4.93 7.28 -15.23
N THR B 124 5.42 8.50 -15.50
CA THR B 124 5.32 9.10 -16.83
C THR B 124 6.47 8.58 -17.69
N GLN B 125 6.49 8.97 -18.97
CA GLN B 125 7.55 8.58 -19.88
C GLN B 125 8.90 9.06 -19.36
N ASP B 126 8.93 10.32 -18.91
CA ASP B 126 10.13 10.95 -18.40
C ASP B 126 10.67 10.16 -17.21
N GLU B 127 9.81 10.00 -16.20
CA GLU B 127 10.15 9.29 -14.98
C GLU B 127 10.65 7.89 -15.31
N PHE B 128 9.98 7.23 -16.25
CA PHE B 128 10.23 5.83 -16.57
C PHE B 128 11.59 5.66 -17.24
N GLU B 129 11.87 6.47 -18.27
CA GLU B 129 13.11 6.34 -19.03
C GLU B 129 14.30 6.73 -18.16
N GLU B 130 14.11 7.68 -17.25
CA GLU B 130 15.19 8.16 -16.41
C GLU B 130 15.76 7.00 -15.58
N SER B 131 14.88 6.17 -15.00
CA SER B 131 15.31 5.13 -14.09
C SER B 131 15.64 3.84 -14.83
N GLU B 132 15.18 3.70 -16.08
CA GLU B 132 15.42 2.49 -16.87
C GLU B 132 16.70 2.62 -17.68
N GLU B 133 17.19 3.85 -17.87
CA GLU B 133 18.37 4.09 -18.68
C GLU B 133 19.66 3.91 -17.87
N MET B 134 19.54 3.65 -16.56
CA MET B 134 20.70 3.51 -15.69
C MET B 134 21.02 2.02 -15.46
N GLU B 135 20.37 1.12 -16.20
CA GLU B 135 20.68 -0.30 -16.14
C GLU B 135 21.67 -0.64 -17.25
N PHE B 136 22.52 -1.65 -16.99
CA PHE B 136 23.63 -2.00 -17.86
C PHE B 136 23.48 -3.45 -18.33
N SER B 137 24.34 -3.84 -19.28
CA SER B 137 24.40 -5.21 -19.79
C SER B 137 25.86 -5.71 -19.71
N SER C 2 -15.54 -29.08 40.07
CA SER C 2 -15.94 -29.17 41.50
C SER C 2 -17.02 -30.23 41.68
N LYS C 3 -18.30 -29.82 41.66
CA LYS C 3 -19.40 -30.77 41.64
C LYS C 3 -19.52 -31.35 40.23
N TYR C 4 -19.67 -32.67 40.15
CA TYR C 4 -19.69 -33.37 38.87
C TYR C 4 -20.91 -32.94 38.06
N GLU C 5 -20.66 -32.34 36.88
CA GLU C 5 -21.70 -32.12 35.88
C GLU C 5 -21.39 -33.02 34.68
N ARG C 6 -22.41 -33.74 34.20
CA ARG C 6 -22.27 -34.58 33.02
C ARG C 6 -21.61 -33.80 31.91
N PRO C 7 -20.46 -34.26 31.36
CA PRO C 7 -19.86 -33.65 30.18
C PRO C 7 -20.46 -34.20 28.87
N LEU C 8 -20.33 -33.42 27.80
CA LEU C 8 -21.00 -33.70 26.54
C LEU C 8 -20.19 -34.73 25.75
N LYS C 9 -20.89 -35.47 24.87
CA LYS C 9 -20.26 -36.42 23.97
C LYS C 9 -19.31 -35.66 23.03
N ARG C 10 -18.19 -36.31 22.72
CA ARG C 10 -17.19 -35.74 21.83
C ARG C 10 -17.19 -36.54 20.54
N GLU C 11 -17.25 -35.84 19.40
CA GLU C 11 -17.36 -36.48 18.10
C GLU C 11 -15.99 -37.07 17.74
N SER C 12 -16.03 -38.27 17.16
CA SER C 12 -14.82 -39.00 16.79
C SER C 12 -14.16 -38.31 15.60
N GLN C 13 -13.00 -37.69 15.84
CA GLN C 13 -12.22 -37.04 14.80
C GLN C 13 -10.98 -37.87 14.50
N ILE C 14 -11.20 -39.07 13.95
CA ILE C 14 -10.16 -40.03 13.70
C ILE C 14 -9.21 -39.49 12.64
N LYS C 15 -9.75 -39.27 11.44
CA LYS C 15 -8.97 -38.91 10.26
C LYS C 15 -9.15 -37.43 9.97
N GLU C 16 -8.06 -36.77 9.54
CA GLU C 16 -8.09 -35.36 9.20
C GLU C 16 -7.83 -35.20 7.71
N PHE C 17 -8.14 -34.01 7.20
CA PHE C 17 -7.91 -33.68 5.80
C PHE C 17 -6.40 -33.66 5.53
N GLU C 18 -6.00 -34.16 4.35
CA GLU C 18 -4.65 -33.99 3.88
C GLU C 18 -4.52 -32.58 3.31
N LEU C 19 -3.30 -32.02 3.36
CA LEU C 19 -3.09 -30.63 2.99
C LEU C 19 -3.53 -30.41 1.54
N GLY C 20 -4.13 -29.25 1.27
CA GLY C 20 -4.55 -28.88 -0.07
C GLY C 20 -6.02 -28.46 -0.11
N THR C 21 -6.62 -28.60 -1.30
CA THR C 21 -8.01 -28.20 -1.53
C THR C 21 -8.88 -29.46 -1.62
N HIS C 22 -10.12 -29.32 -1.13
CA HIS C 22 -11.01 -30.47 -0.95
C HIS C 22 -12.47 -30.05 -1.08
N ALA C 23 -13.26 -30.90 -1.74
CA ALA C 23 -14.71 -30.86 -1.62
C ALA C 23 -15.10 -31.38 -0.23
N ALA C 24 -16.05 -30.70 0.40
CA ALA C 24 -16.50 -31.07 1.73
C ALA C 24 -17.92 -30.57 1.97
N VAL C 25 -18.57 -31.15 2.99
CA VAL C 25 -19.90 -30.73 3.41
C VAL C 25 -19.80 -30.17 4.82
N ILE C 26 -20.54 -29.09 5.08
CA ILE C 26 -20.75 -28.59 6.43
C ILE C 26 -21.77 -29.51 7.10
N GLU C 27 -21.28 -30.45 7.93
CA GLU C 27 -22.14 -31.49 8.48
C GLU C 27 -22.82 -30.99 9.76
N LYS C 28 -22.10 -30.17 10.54
CA LYS C 28 -22.61 -29.67 11.81
C LYS C 28 -22.26 -28.19 11.96
N VAL C 29 -23.14 -27.46 12.65
CA VAL C 29 -22.95 -26.06 12.95
C VAL C 29 -23.48 -25.83 14.36
N GLN C 30 -22.64 -25.23 15.22
CA GLN C 30 -23.03 -24.99 16.60
C GLN C 30 -22.41 -23.68 17.08
N LYS C 31 -23.23 -22.83 17.70
CA LYS C 31 -22.78 -21.52 18.17
C LYS C 31 -22.20 -21.70 19.58
N LYS C 32 -21.04 -21.07 19.81
CA LYS C 32 -20.35 -21.16 21.08
C LYS C 32 -19.75 -19.81 21.46
N ARG C 33 -19.15 -19.76 22.66
CA ARG C 33 -18.34 -18.64 23.09
C ARG C 33 -16.88 -19.05 23.00
N SER C 34 -16.03 -18.10 22.57
CA SER C 34 -14.59 -18.32 22.54
C SER C 34 -14.02 -18.25 23.95
N GLN C 35 -12.76 -18.67 24.11
CA GLN C 35 -12.07 -18.55 25.39
C GLN C 35 -11.94 -17.08 25.75
N LYS C 36 -11.72 -16.22 24.74
CA LYS C 36 -11.61 -14.79 24.96
C LYS C 36 -13.00 -14.16 25.14
N GLY C 37 -14.03 -14.83 24.63
CA GLY C 37 -15.41 -14.48 24.94
C GLY C 37 -16.11 -13.72 23.81
N ASN C 38 -15.89 -14.16 22.57
CA ASN C 38 -16.66 -13.68 21.43
C ASN C 38 -17.61 -14.80 20.99
N ASP C 39 -18.81 -14.42 20.55
CA ASP C 39 -19.74 -15.37 19.95
C ASP C 39 -19.17 -15.80 18.61
N MET C 40 -19.38 -17.08 18.24
CA MET C 40 -18.84 -17.62 17.02
C MET C 40 -19.58 -18.89 16.63
N PHE C 41 -19.59 -19.18 15.32
CA PHE C 41 -20.10 -20.43 14.79
C PHE C 41 -18.94 -21.42 14.62
N LEU C 42 -19.23 -22.69 14.90
CA LEU C 42 -18.21 -23.74 14.83
C LEU C 42 -18.62 -24.75 13.76
N LEU C 43 -18.13 -24.54 12.54
CA LEU C 43 -18.48 -25.36 11.40
C LEU C 43 -17.67 -26.64 11.42
N SER C 44 -18.36 -27.79 11.50
CA SER C 44 -17.74 -29.09 11.32
C SER C 44 -17.83 -29.48 9.84
N LEU C 45 -16.72 -30.01 9.29
CA LEU C 45 -16.64 -30.28 7.87
C LEU C 45 -16.27 -31.74 7.61
N LEU C 46 -17.08 -32.39 6.78
CA LEU C 46 -16.93 -33.80 6.47
C LEU C 46 -16.47 -33.95 5.02
N GLY C 47 -15.34 -34.64 4.85
CA GLY C 47 -14.78 -34.91 3.53
C GLY C 47 -15.39 -36.16 2.90
N LYS C 48 -14.96 -36.47 1.67
CA LYS C 48 -15.55 -37.53 0.88
C LYS C 48 -14.93 -38.88 1.23
N SER C 49 -13.87 -38.87 2.04
CA SER C 49 -13.31 -40.09 2.60
C SER C 49 -13.35 -40.03 4.12
N ASN C 50 -14.38 -39.34 4.64
CA ASN C 50 -14.67 -39.27 6.06
C ASN C 50 -13.61 -38.44 6.79
N GLU C 51 -12.95 -37.53 6.06
CA GLU C 51 -12.03 -36.60 6.70
C GLU C 51 -12.86 -35.63 7.54
N LYS C 52 -12.30 -35.20 8.67
CA LYS C 52 -12.99 -34.36 9.62
C LYS C 52 -12.15 -33.10 9.86
N GLY C 53 -12.80 -31.94 9.80
CA GLY C 53 -12.14 -30.67 10.05
C GLY C 53 -13.10 -29.66 10.68
N VAL C 54 -12.53 -28.61 11.27
CA VAL C 54 -13.31 -27.61 11.98
C VAL C 54 -12.92 -26.23 11.44
N TYR C 55 -13.88 -25.31 11.41
CA TYR C 55 -13.61 -23.93 11.05
C TYR C 55 -14.33 -23.02 12.05
N PHE C 56 -13.61 -22.00 12.52
CA PHE C 56 -14.11 -21.06 13.51
C PHE C 56 -14.44 -19.73 12.83
N LEU C 57 -15.73 -19.43 12.69
CA LEU C 57 -16.19 -18.14 12.22
C LEU C 57 -16.48 -17.26 13.44
N THR C 58 -15.57 -16.31 13.70
CA THR C 58 -15.60 -15.52 14.92
C THR C 58 -16.23 -14.15 14.66
N PHE C 59 -17.26 -13.82 15.43
CA PHE C 59 -17.97 -12.56 15.29
C PHE C 59 -17.37 -11.52 16.23
N GLY C 60 -17.49 -10.24 15.83
CA GLY C 60 -17.09 -9.12 16.67
C GLY C 60 -15.81 -8.43 16.20
N ASN C 61 -15.32 -8.80 15.01
CA ASN C 61 -14.11 -8.20 14.45
C ASN C 61 -14.45 -7.52 13.13
N ASP C 62 -13.45 -6.85 12.54
CA ASP C 62 -13.62 -6.05 11.34
C ASP C 62 -13.87 -6.94 10.12
N TYR C 63 -13.36 -8.18 10.16
CA TYR C 63 -13.37 -9.07 9.01
C TYR C 63 -14.36 -10.22 9.22
N THR C 64 -15.34 -10.03 10.12
CA THR C 64 -16.37 -11.04 10.35
C THR C 64 -17.19 -11.22 9.07
N GLU C 65 -17.64 -10.09 8.51
CA GLU C 65 -18.55 -10.11 7.38
C GLU C 65 -17.84 -10.71 6.15
N ASP C 66 -16.58 -10.33 5.95
CA ASP C 66 -15.81 -10.83 4.82
C ASP C 66 -15.68 -12.35 4.90
N ASN C 67 -15.30 -12.86 6.07
CA ASN C 67 -15.08 -14.30 6.25
C ASN C 67 -16.38 -15.07 5.98
N LEU C 68 -17.52 -14.48 6.36
CA LEU C 68 -18.82 -15.10 6.14
C LEU C 68 -19.15 -15.07 4.64
N ARG C 69 -18.90 -13.92 3.99
CA ARG C 69 -19.19 -13.76 2.58
C ARG C 69 -18.49 -14.85 1.77
N TYR C 70 -17.26 -15.21 2.14
CA TYR C 70 -16.50 -16.21 1.41
C TYR C 70 -17.11 -17.59 1.60
N ILE C 71 -17.63 -17.87 2.81
CA ILE C 71 -18.35 -19.12 3.06
C ILE C 71 -19.51 -19.22 2.08
N LEU C 72 -20.34 -18.16 2.03
CA LEU C 72 -21.51 -18.13 1.19
C LEU C 72 -21.13 -18.26 -0.29
N ALA C 73 -20.03 -17.61 -0.68
CA ALA C 73 -19.54 -17.67 -2.05
C ALA C 73 -19.22 -19.12 -2.43
N SER C 74 -18.66 -19.88 -1.48
CA SER C 74 -18.32 -21.27 -1.69
C SER C 74 -19.59 -22.11 -1.87
N ILE C 75 -20.64 -21.77 -1.12
CA ILE C 75 -21.93 -22.45 -1.22
C ILE C 75 -22.56 -22.09 -2.56
N GLN C 76 -22.43 -20.81 -2.95
CA GLN C 76 -23.00 -20.30 -4.18
C GLN C 76 -22.49 -21.11 -5.38
N ASP C 77 -21.19 -21.41 -5.37
CA ASP C 77 -20.53 -22.04 -6.50
C ASP C 77 -20.65 -23.57 -6.45
N ASN C 78 -21.51 -24.08 -5.56
CA ASN C 78 -21.79 -25.50 -5.51
C ASN C 78 -23.27 -25.77 -5.82
N GLY C 79 -23.93 -24.78 -6.44
CA GLY C 79 -25.24 -24.97 -7.05
C GLY C 79 -26.40 -24.51 -6.16
N VAL C 80 -26.13 -23.55 -5.27
CA VAL C 80 -27.11 -23.10 -4.30
C VAL C 80 -27.26 -21.58 -4.40
N GLU C 81 -28.51 -21.12 -4.50
CA GLU C 81 -28.83 -19.70 -4.63
C GLU C 81 -28.93 -19.08 -3.24
N ILE C 82 -28.24 -17.95 -3.05
CA ILE C 82 -28.23 -17.25 -1.78
C ILE C 82 -29.49 -16.39 -1.68
N PRO C 83 -30.33 -16.60 -0.64
CA PRO C 83 -31.57 -15.83 -0.48
C PRO C 83 -31.32 -14.42 0.07
N ASP C 84 -32.32 -13.54 -0.09
CA ASP C 84 -32.21 -12.15 0.31
C ASP C 84 -32.46 -12.05 1.81
N VAL C 85 -31.47 -12.50 2.59
CA VAL C 85 -31.55 -12.50 4.05
C VAL C 85 -30.36 -11.72 4.60
N ASP C 86 -30.56 -11.11 5.77
CA ASP C 86 -29.50 -10.45 6.51
C ASP C 86 -28.61 -11.52 7.14
N PHE C 87 -27.37 -11.63 6.65
CA PHE C 87 -26.42 -12.62 7.13
C PHE C 87 -25.62 -12.03 8.29
N GLY C 88 -25.43 -12.86 9.34
CA GLY C 88 -24.69 -12.44 10.52
C GLY C 88 -24.93 -13.39 11.68
N TYR C 89 -24.92 -12.85 12.90
CA TYR C 89 -25.15 -13.63 14.10
C TYR C 89 -26.66 -13.72 14.34
N ASN C 90 -27.33 -14.56 13.54
CA ASN C 90 -28.76 -14.77 13.65
C ASN C 90 -29.08 -16.23 13.33
N ARG C 91 -30.34 -16.62 13.57
CA ARG C 91 -30.77 -18.00 13.42
C ARG C 91 -30.80 -18.40 11.93
N GLU C 92 -31.08 -17.43 11.06
CA GLU C 92 -31.32 -17.71 9.66
C GLU C 92 -30.02 -18.11 8.98
N THR C 93 -28.97 -17.31 9.21
CA THR C 93 -27.62 -17.63 8.75
C THR C 93 -27.18 -18.98 9.32
N PHE C 94 -27.48 -19.19 10.59
CA PHE C 94 -27.08 -20.39 11.32
C PHE C 94 -27.62 -21.64 10.63
N GLU C 95 -28.89 -21.59 10.20
CA GLU C 95 -29.58 -22.78 9.72
C GLU C 95 -29.30 -22.97 8.23
N PHE C 96 -29.00 -21.88 7.52
CA PHE C 96 -28.71 -21.94 6.10
C PHE C 96 -27.40 -22.68 5.82
N LEU C 97 -26.44 -22.58 6.76
CA LEU C 97 -25.11 -23.14 6.55
C LEU C 97 -25.12 -24.67 6.58
N LYS C 98 -26.06 -25.26 7.32
CA LYS C 98 -26.04 -26.69 7.60
C LYS C 98 -26.30 -27.51 6.35
N GLY C 99 -25.36 -28.39 6.01
CA GLY C 99 -25.56 -29.43 5.01
C GLY C 99 -25.08 -29.03 3.62
N LYS C 100 -24.54 -27.82 3.47
CA LYS C 100 -24.20 -27.26 2.18
C LYS C 100 -22.87 -27.82 1.69
N ASP C 101 -22.75 -27.95 0.37
CA ASP C 101 -21.48 -28.30 -0.27
C ASP C 101 -20.59 -27.05 -0.30
N VAL C 102 -19.29 -27.25 -0.09
CA VAL C 102 -18.32 -26.17 -0.10
C VAL C 102 -16.98 -26.69 -0.63
N TYR C 103 -16.09 -25.75 -0.96
CA TYR C 103 -14.70 -26.02 -1.26
C TYR C 103 -13.85 -25.42 -0.15
N ILE C 104 -12.91 -26.19 0.42
CA ILE C 104 -12.11 -25.75 1.54
C ILE C 104 -10.63 -25.84 1.21
N GLN C 105 -9.85 -25.00 1.90
CA GLN C 105 -8.40 -25.08 1.91
C GLN C 105 -7.95 -25.52 3.29
N VAL C 106 -6.97 -26.44 3.34
CA VAL C 106 -6.44 -26.90 4.61
C VAL C 106 -4.91 -26.82 4.58
N GLU C 107 -4.36 -26.18 5.63
CA GLU C 107 -2.92 -25.95 5.76
C GLU C 107 -2.46 -26.46 7.12
N GLU C 108 -1.15 -26.62 7.28
CA GLU C 108 -0.56 -26.96 8.57
C GLU C 108 -0.66 -25.77 9.52
N GLN C 109 -0.80 -26.07 10.80
CA GLN C 109 -0.95 -25.06 11.85
C GLN C 109 -0.34 -25.61 13.14
N GLU C 110 0.15 -24.72 14.00
CA GLU C 110 0.84 -25.13 15.21
C GLU C 110 0.39 -24.23 16.36
N TYR C 111 -0.17 -24.84 17.42
CA TYR C 111 -0.60 -24.09 18.59
C TYR C 111 0.44 -24.27 19.69
N LYS C 112 0.36 -25.38 20.44
CA LYS C 112 1.26 -25.62 21.55
C LYS C 112 2.22 -26.76 21.18
N GLY C 113 3.03 -26.55 20.15
CA GLY C 113 3.95 -27.56 19.66
C GLY C 113 3.28 -28.55 18.73
N LYS C 114 2.06 -29.01 19.11
CA LYS C 114 1.31 -29.98 18.34
C LYS C 114 0.94 -29.39 16.98
N VAL C 115 1.17 -30.19 15.91
CA VAL C 115 0.86 -29.79 14.55
C VAL C 115 -0.53 -30.31 14.20
N LYS C 116 -1.23 -29.57 13.33
CA LYS C 116 -2.61 -29.87 12.99
C LYS C 116 -2.90 -29.39 11.58
N HIS C 117 -3.59 -30.23 10.79
CA HIS C 117 -4.16 -29.83 9.52
C HIS C 117 -5.47 -29.10 9.80
N ALA C 118 -5.52 -27.80 9.50
CA ALA C 118 -6.65 -26.95 9.85
C ALA C 118 -7.34 -26.41 8.60
N VAL C 119 -8.65 -26.19 8.69
CA VAL C 119 -9.41 -25.55 7.63
C VAL C 119 -9.24 -24.03 7.78
N THR C 120 -8.64 -23.40 6.77
CA THR C 120 -8.24 -22.01 6.86
C THR C 120 -9.14 -21.11 6.02
N ASN C 121 -9.67 -21.62 4.89
CA ASN C 121 -10.44 -20.79 3.97
C ASN C 121 -11.48 -21.60 3.21
N PHE C 122 -12.50 -20.88 2.73
CA PHE C 122 -13.52 -21.39 1.83
C PHE C 122 -13.31 -20.79 0.45
N LEU C 123 -13.31 -21.64 -0.59
CA LEU C 123 -12.87 -21.24 -1.91
C LEU C 123 -14.06 -21.10 -2.86
N THR C 124 -13.90 -20.24 -3.87
CA THR C 124 -14.82 -20.13 -4.99
C THR C 124 -14.53 -21.23 -5.99
N GLN C 125 -15.35 -21.32 -7.05
CA GLN C 125 -15.16 -22.30 -8.10
C GLN C 125 -13.80 -22.12 -8.76
N ASP C 126 -13.51 -20.89 -9.20
CA ASP C 126 -12.29 -20.60 -9.92
C ASP C 126 -11.08 -20.76 -9.01
N GLU C 127 -11.23 -20.37 -7.73
CA GLU C 127 -10.18 -20.54 -6.74
C GLU C 127 -9.85 -22.02 -6.55
N PHE C 128 -10.89 -22.86 -6.52
CA PHE C 128 -10.72 -24.28 -6.30
C PHE C 128 -9.96 -24.93 -7.46
N GLU C 129 -10.38 -24.61 -8.68
CA GLU C 129 -9.79 -25.18 -9.88
C GLU C 129 -8.33 -24.72 -10.03
N GLU C 130 -8.07 -23.46 -9.64
CA GLU C 130 -6.74 -22.88 -9.79
C GLU C 130 -5.73 -23.57 -8.86
N SER C 131 -6.18 -23.96 -7.66
CA SER C 131 -5.34 -24.68 -6.72
C SER C 131 -5.06 -26.09 -7.24
N GLU C 132 -6.08 -26.69 -7.89
CA GLU C 132 -6.00 -28.06 -8.38
C GLU C 132 -5.11 -28.14 -9.62
N GLU C 133 -4.95 -27.02 -10.33
CA GLU C 133 -4.11 -26.95 -11.51
C GLU C 133 -2.65 -27.17 -11.16
N MET C 134 -2.16 -26.45 -10.14
CA MET C 134 -0.73 -26.39 -9.83
C MET C 134 -0.34 -27.55 -8.92
N GLU C 135 -1.30 -28.36 -8.47
CA GLU C 135 -1.00 -29.59 -7.75
C GLU C 135 -0.44 -30.64 -8.72
N PHE C 136 -0.93 -30.63 -9.97
CA PHE C 136 -0.46 -31.55 -10.99
C PHE C 136 0.83 -31.00 -11.61
N SER C 137 1.95 -31.16 -10.88
CA SER C 137 3.26 -30.74 -11.33
C SER C 137 4.34 -31.32 -10.41
C1 PGE E . 11.85 6.97 -10.30
O1 PGE E . 12.26 6.14 -9.24
C2 PGE E . 10.46 7.49 -10.11
O2 PGE E . 10.50 8.82 -9.61
C3 PGE E . 9.99 8.95 -8.28
C4 PGE E . 8.49 9.05 -8.31
O4 PGE E . 7.36 10.95 -4.26
C6 PGE E . 8.43 10.70 -5.15
C5 PGE E . 7.98 10.60 -6.57
O3 PGE E . 7.99 9.23 -6.99
C1 PGE F . 24.94 21.99 14.80
O1 PGE F . 24.39 21.08 15.74
C2 PGE F . 25.09 23.37 15.35
O2 PGE F . 23.84 23.85 15.86
C3 PGE F . 22.86 24.09 14.86
C4 PGE F . 21.94 25.18 15.30
O4 PGE F . 18.86 27.15 17.30
C6 PGE F . 18.98 26.24 16.23
C5 PGE F . 19.91 25.10 16.55
O3 PGE F . 20.60 24.69 15.38
#